data_3RDQ
#
_entry.id   3RDQ
#
_cell.length_a   57.275
_cell.length_b   57.275
_cell.length_c   183.742
_cell.angle_alpha   90.00
_cell.angle_beta   90.00
_cell.angle_gamma   90.00
#
_symmetry.space_group_name_H-M   'I 41 2 2'
#
loop_
_entity.id
_entity.type
_entity.pdbx_description
1 polymer Streptavidin
2 non-polymer '6-(5-METHYL-2-OXO-IMIDAZOLIDIN-4-YL)-HEXANOIC ACID'
3 non-polymer 'NICKEL (II) ION'
4 non-polymer 'SODIUM ION'
5 non-polymer GLYCEROL
6 water water
#
_entity_poly.entity_id   1
_entity_poly.type   'polypeptide(L)'
_entity_poly.pdbx_seq_one_letter_code
;MSGSHHHHHHSSGIEGRGRLIKHMTAEAGITGTWYNQLGSTLIVTAGADGALTGTYESAVGNAEGSYVLTGRYDSAPATD
GSGTALGWTVAWKNNYRNAHSASTWSGQYVGGAEARINTQVLTTSGTTEANAWKSTLVGHDTFTKVKPSAASI
;
_entity_poly.pdbx_strand_id   A
#
# COMPACT_ATOMS: atom_id res chain seq x y z
N HIS A 9 -4.95 -23.74 3.52
CA HIS A 9 -4.80 -22.89 4.73
C HIS A 9 -5.70 -21.68 4.71
N HIS A 10 -6.20 -21.34 3.53
CA HIS A 10 -7.13 -20.24 3.41
C HIS A 10 -8.46 -20.54 4.09
N THR A 25 -12.52 1.99 15.13
CA THR A 25 -12.90 1.39 13.85
C THR A 25 -11.70 1.29 12.92
N ALA A 26 -11.80 0.38 11.95
CA ALA A 26 -10.77 0.33 10.93
C ALA A 26 -10.76 1.61 10.12
N GLU A 27 -11.94 2.20 9.88
CA GLU A 27 -11.96 3.42 9.08
C GLU A 27 -11.11 4.49 9.76
N ALA A 28 -11.32 4.64 11.07
CA ALA A 28 -10.61 5.65 11.84
C ALA A 28 -9.13 5.30 11.98
N GLY A 29 -8.84 4.00 12.16
CA GLY A 29 -7.47 3.55 12.42
C GLY A 29 -6.56 3.57 11.19
N ILE A 30 -7.11 3.27 10.03
CA ILE A 30 -6.30 3.22 8.82
C ILE A 30 -6.01 4.63 8.28
N THR A 31 -6.96 5.54 8.44
CA THR A 31 -6.78 6.88 7.88
C THR A 31 -5.56 7.58 8.44
N GLY A 32 -4.75 8.17 7.56
CA GLY A 32 -3.62 8.96 8.02
C GLY A 32 -2.35 8.60 7.26
N THR A 33 -1.22 8.91 7.87
CA THR A 33 0.07 8.77 7.22
C THR A 33 0.77 7.58 7.83
N TRP A 34 1.37 6.76 6.96
CA TRP A 34 2.14 5.60 7.43
C TRP A 34 3.48 5.57 6.75
N TYR A 35 4.43 4.88 7.37
CA TYR A 35 5.81 4.85 6.90
C TYR A 35 6.30 3.40 6.87
N ASN A 36 6.95 2.98 5.79
CA ASN A 36 7.46 1.62 5.77
C ASN A 36 8.95 1.54 6.08
N GLN A 37 9.45 0.31 6.07
CA GLN A 37 10.82 0.05 6.53
C GLN A 37 11.87 0.55 5.54
N LEU A 38 11.41 0.92 4.35
CA LEU A 38 12.29 1.45 3.28
C LEU A 38 12.38 2.96 3.34
N GLY A 39 11.52 3.57 4.15
CA GLY A 39 11.45 5.03 4.22
C GLY A 39 10.37 5.63 3.33
N SER A 40 9.53 4.79 2.70
CA SER A 40 8.43 5.31 1.87
C SER A 40 7.28 5.83 2.74
N THR A 41 6.46 6.72 2.16
CA THR A 41 5.36 7.33 2.88
C THR A 41 4.04 7.08 2.17
N LEU A 42 3.06 6.60 2.95
CA LEU A 42 1.69 6.32 2.46
CA LEU A 42 1.71 6.30 2.48
C LEU A 42 0.79 7.36 3.12
N ILE A 43 -0.07 8.01 2.35
CA ILE A 43 -1.03 8.95 2.94
C ILE A 43 -2.40 8.51 2.44
N VAL A 44 -3.26 8.04 3.34
CA VAL A 44 -4.48 7.36 2.89
C VAL A 44 -5.71 7.76 3.68
N THR A 45 -6.84 7.85 3.00
CA THR A 45 -8.11 8.07 3.67
C THR A 45 -8.93 6.81 3.44
N ALA A 46 -9.49 6.27 4.53
CA ALA A 46 -10.42 5.13 4.46
C ALA A 46 -11.85 5.63 4.46
N GLY A 47 -12.65 5.17 3.49
CA GLY A 47 -14.02 5.60 3.36
C GLY A 47 -14.96 4.68 4.12
N ALA A 48 -16.15 5.17 4.46
CA ALA A 48 -17.09 4.39 5.22
C ALA A 48 -17.52 3.09 4.54
N ASP A 49 -17.45 3.04 3.22
CA ASP A 49 -17.92 1.85 2.53
C ASP A 49 -16.79 1.06 1.90
N GLY A 50 -15.57 1.22 2.43
CA GLY A 50 -14.51 0.30 2.02
C GLY A 50 -13.47 0.88 1.10
N ALA A 51 -13.62 2.14 0.71
CA ALA A 51 -12.63 2.74 -0.20
C ALA A 51 -11.33 3.09 0.52
N LEU A 52 -10.20 3.00 -0.20
CA LEU A 52 -8.95 3.61 0.24
C LEU A 52 -8.52 4.54 -0.90
N THR A 53 -8.20 5.77 -0.56
CA THR A 53 -7.71 6.73 -1.56
CA THR A 53 -7.74 6.73 -1.54
C THR A 53 -6.60 7.54 -0.94
N GLY A 54 -5.58 7.87 -1.72
CA GLY A 54 -4.51 8.68 -1.16
C GLY A 54 -3.34 8.80 -2.10
N THR A 55 -2.14 8.93 -1.55
CA THR A 55 -0.95 9.06 -2.37
C THR A 55 0.17 8.26 -1.74
N TYR A 56 1.21 7.99 -2.53
CA TYR A 56 2.33 7.19 -2.06
C TYR A 56 3.60 7.83 -2.57
N GLU A 57 4.62 7.89 -1.71
CA GLU A 57 5.94 8.40 -2.10
C GLU A 57 6.96 7.31 -1.79
N SER A 58 7.61 6.77 -2.83
CA SER A 58 8.57 5.67 -2.60
C SER A 58 9.97 6.18 -2.37
N ALA A 59 10.64 5.64 -1.35
CA ALA A 59 12.01 6.02 -1.09
C ALA A 59 12.99 5.28 -1.98
N VAL A 60 12.51 4.28 -2.71
CA VAL A 60 13.39 3.48 -3.55
C VAL A 60 12.85 3.34 -4.96
N GLY A 61 13.69 2.84 -5.88
CA GLY A 61 13.21 2.54 -7.22
C GLY A 61 13.15 3.76 -8.12
N ASN A 62 12.55 3.56 -9.29
CA ASN A 62 12.47 4.60 -10.31
C ASN A 62 11.21 5.46 -10.05
N ALA A 63 11.30 6.31 -9.04
CA ALA A 63 10.15 7.01 -8.53
C ALA A 63 10.59 8.33 -7.93
N GLU A 64 9.79 9.37 -8.15
CA GLU A 64 10.06 10.65 -7.50
CA GLU A 64 10.05 10.65 -7.51
C GLU A 64 8.74 11.37 -7.33
N GLY A 65 8.55 11.97 -6.16
CA GLY A 65 7.31 12.67 -5.88
C GLY A 65 6.24 11.69 -5.44
N SER A 66 5.00 12.17 -5.43
CA SER A 66 3.84 11.37 -5.03
CA SER A 66 3.87 11.32 -5.02
C SER A 66 3.09 10.75 -6.20
N TYR A 67 2.49 9.58 -5.95
CA TYR A 67 1.75 8.84 -6.96
C TYR A 67 0.38 8.55 -6.39
N VAL A 68 -0.62 8.54 -7.26
CA VAL A 68 -1.98 8.20 -6.80
C VAL A 68 -2.09 6.76 -6.31
N LEU A 69 -2.80 6.56 -5.21
CA LEU A 69 -3.03 5.23 -4.62
C LEU A 69 -4.55 5.04 -4.53
N THR A 70 -5.02 3.84 -4.83
CA THR A 70 -6.42 3.51 -4.56
CA THR A 70 -6.43 3.49 -4.58
C THR A 70 -6.52 2.05 -4.11
N GLY A 71 -7.47 1.74 -3.24
CA GLY A 71 -7.58 0.36 -2.79
C GLY A 71 -8.89 0.13 -2.10
N ARG A 72 -8.96 -0.98 -1.36
CA ARG A 72 -10.19 -1.35 -0.63
C ARG A 72 -9.77 -1.95 0.70
N TYR A 73 -10.65 -1.86 1.69
CA TYR A 73 -10.43 -2.59 2.93
C TYR A 73 -11.77 -3.12 3.42
N ASP A 74 -11.69 -4.11 4.32
CA ASP A 74 -12.89 -4.66 4.98
C ASP A 74 -13.41 -3.64 5.99
N SER A 75 -14.52 -3.00 5.65
CA SER A 75 -15.08 -1.93 6.50
C SER A 75 -15.96 -2.44 7.65
N ALA A 76 -16.06 -3.75 7.81
CA ALA A 76 -16.76 -4.30 8.96
C ALA A 76 -16.03 -5.56 9.42
N PRO A 77 -14.79 -5.40 9.90
CA PRO A 77 -13.97 -6.57 10.22
C PRO A 77 -14.44 -7.31 11.47
N ALA A 78 -13.94 -8.53 11.63
CA ALA A 78 -14.29 -9.34 12.78
C ALA A 78 -13.73 -8.67 14.03
N THR A 79 -14.40 -8.86 15.15
CA THR A 79 -13.94 -8.27 16.41
C THR A 79 -13.45 -9.34 17.36
N ASP A 80 -12.80 -10.37 16.82
CA ASP A 80 -12.34 -11.51 17.59
C ASP A 80 -10.83 -11.50 17.78
N GLY A 81 -10.20 -10.35 17.53
CA GLY A 81 -8.74 -10.24 17.64
C GLY A 81 -8.03 -10.33 16.29
N SER A 82 -8.79 -10.51 15.23
CA SER A 82 -8.22 -10.59 13.89
C SER A 82 -7.84 -9.22 13.33
N GLY A 83 -6.89 -9.20 12.40
CA GLY A 83 -6.60 -7.97 11.70
C GLY A 83 -7.68 -7.66 10.65
N THR A 84 -7.51 -6.54 9.98
CA THR A 84 -8.47 -6.05 9.00
C THR A 84 -7.86 -6.15 7.62
N ALA A 85 -8.44 -6.98 6.77
CA ALA A 85 -7.88 -7.20 5.44
C ALA A 85 -7.97 -5.96 4.56
N LEU A 86 -6.94 -5.74 3.74
CA LEU A 86 -6.96 -4.64 2.82
C LEU A 86 -5.97 -4.82 1.67
N GLY A 87 -6.06 -3.91 0.73
CA GLY A 87 -5.10 -3.89 -0.39
C GLY A 87 -5.15 -2.58 -1.11
N TRP A 88 -4.07 -2.23 -1.80
CA TRP A 88 -4.11 -1.05 -2.66
C TRP A 88 -3.09 -1.15 -3.77
N THR A 89 -3.24 -0.26 -4.75
CA THR A 89 -2.38 -0.25 -5.93
C THR A 89 -1.85 1.13 -6.15
N VAL A 90 -0.61 1.18 -6.66
CA VAL A 90 0.01 2.38 -7.17
C VAL A 90 0.56 2.04 -8.54
N ALA A 91 0.16 2.79 -9.58
CA ALA A 91 0.87 2.72 -10.85
C ALA A 91 1.92 3.83 -10.84
N TRP A 92 3.15 3.45 -11.19
CA TRP A 92 4.31 4.33 -11.00
C TRP A 92 4.50 5.30 -12.16
N LYS A 93 3.41 6.00 -12.46
CA LYS A 93 3.41 7.09 -13.40
C LYS A 93 2.84 8.33 -12.70
N ASN A 94 3.56 9.43 -12.80
CA ASN A 94 3.03 10.72 -12.35
C ASN A 94 3.54 11.80 -13.29
N ASN A 95 3.49 13.05 -12.85
CA ASN A 95 3.93 14.11 -13.77
C ASN A 95 5.43 14.13 -14.01
N TYR A 96 6.18 13.47 -13.14
CA TYR A 96 7.63 13.51 -13.20
C TYR A 96 8.27 12.33 -13.94
N ARG A 97 7.70 11.14 -13.75
CA ARG A 97 8.32 9.94 -14.26
C ARG A 97 7.29 8.91 -14.59
N ASN A 98 7.70 7.93 -15.40
CA ASN A 98 6.87 6.76 -15.65
C ASN A 98 7.80 5.55 -15.71
N ALA A 99 7.72 4.70 -14.70
CA ALA A 99 8.56 3.51 -14.63
C ALA A 99 7.94 2.31 -15.38
N HIS A 100 6.74 2.50 -15.94
CA HIS A 100 6.02 1.41 -16.64
C HIS A 100 5.87 0.19 -15.73
N SER A 101 5.43 0.43 -14.51
CA SER A 101 5.27 -0.63 -13.51
C SER A 101 4.16 -0.23 -12.54
N ALA A 102 3.70 -1.20 -11.74
CA ALA A 102 2.61 -0.92 -10.77
C ALA A 102 2.82 -1.89 -9.63
N SER A 103 2.55 -1.45 -8.41
CA SER A 103 2.68 -2.31 -7.24
C SER A 103 1.31 -2.47 -6.62
N THR A 104 1.06 -3.66 -6.07
CA THR A 104 -0.17 -3.91 -5.29
C THR A 104 0.25 -4.52 -3.97
N TRP A 105 -0.18 -3.89 -2.88
CA TRP A 105 0.10 -4.38 -1.55
C TRP A 105 -1.13 -5.07 -1.04
N SER A 106 -0.94 -6.23 -0.44
CA SER A 106 -2.05 -7.01 0.17
C SER A 106 -1.66 -7.32 1.59
N GLY A 107 -2.56 -7.08 2.55
CA GLY A 107 -2.14 -7.29 3.93
C GLY A 107 -3.25 -7.03 4.91
N GLN A 108 -2.85 -6.77 6.15
CA GLN A 108 -3.85 -6.44 7.12
C GLN A 108 -3.41 -5.33 8.04
N TYR A 109 -4.39 -4.53 8.44
CA TYR A 109 -4.20 -3.51 9.44
C TYR A 109 -4.41 -4.13 10.81
N VAL A 110 -3.46 -3.86 11.71
CA VAL A 110 -3.50 -4.37 13.07
C VAL A 110 -3.46 -3.16 13.98
N GLY A 111 -4.56 -2.93 14.67
CA GLY A 111 -4.73 -1.69 15.43
C GLY A 111 -4.05 -1.76 16.78
N GLY A 112 -4.16 -0.67 17.53
CA GLY A 112 -3.59 -0.62 18.88
C GLY A 112 -2.46 0.38 19.02
N ALA A 113 -1.84 0.40 20.19
CA ALA A 113 -0.79 1.38 20.47
C ALA A 113 0.42 1.26 19.56
N GLU A 114 0.67 0.04 19.06
CA GLU A 114 1.74 -0.19 18.12
CA GLU A 114 1.75 -0.18 18.10
C GLU A 114 1.14 -0.64 16.80
N ALA A 115 0.30 0.20 16.21
CA ALA A 115 -0.43 -0.20 15.03
C ALA A 115 0.49 -0.49 13.86
N ARG A 116 0.05 -1.43 13.01
CA ARG A 116 0.84 -1.83 11.85
C ARG A 116 -0.09 -2.06 10.68
N ILE A 117 0.41 -1.82 9.48
CA ILE A 117 -0.18 -2.49 8.30
C ILE A 117 0.90 -3.44 7.78
N ASN A 118 0.65 -4.75 7.87
CA ASN A 118 1.65 -5.74 7.47
C ASN A 118 1.26 -6.24 6.10
N THR A 119 2.14 -6.06 5.11
CA THR A 119 1.79 -6.38 3.74
C THR A 119 2.80 -7.28 3.03
N GLN A 120 2.31 -7.93 2.00
CA GLN A 120 3.19 -8.45 0.95
C GLN A 120 2.85 -7.69 -0.32
N VAL A 121 3.81 -7.50 -1.21
CA VAL A 121 3.57 -6.57 -2.32
C VAL A 121 4.14 -7.10 -3.60
N LEU A 122 3.35 -7.06 -4.66
CA LEU A 122 3.77 -7.52 -5.98
C LEU A 122 4.05 -6.28 -6.82
N THR A 123 5.17 -6.22 -7.53
CA THR A 123 5.48 -5.07 -8.39
C THR A 123 5.70 -5.61 -9.79
N THR A 124 4.79 -5.30 -10.71
CA THR A 124 4.86 -5.83 -12.07
C THR A 124 5.32 -4.74 -13.02
N SER A 125 6.30 -5.09 -13.85
CA SER A 125 6.76 -4.18 -14.89
C SER A 125 6.16 -4.61 -16.21
N GLY A 126 5.90 -3.67 -17.11
CA GLY A 126 5.52 -4.05 -18.48
C GLY A 126 6.73 -4.71 -19.12
N THR A 127 6.53 -5.87 -19.74
CA THR A 127 7.63 -6.59 -20.40
C THR A 127 7.18 -7.11 -21.76
N THR A 128 8.15 -7.51 -22.57
CA THR A 128 7.80 -8.28 -23.77
C THR A 128 7.26 -9.64 -23.33
N GLU A 129 6.62 -10.37 -24.24
CA GLU A 129 6.09 -11.68 -23.89
C GLU A 129 7.24 -12.63 -23.54
N ALA A 130 8.35 -12.51 -24.25
CA ALA A 130 9.51 -13.38 -23.97
C ALA A 130 10.00 -13.22 -22.55
N ASN A 131 9.89 -12.00 -22.02
CA ASN A 131 10.45 -11.66 -20.70
C ASN A 131 9.42 -11.70 -19.59
N ALA A 132 8.23 -12.16 -19.90
CA ALA A 132 7.15 -12.12 -18.91
C ALA A 132 7.43 -12.90 -17.63
N TRP A 133 8.26 -13.94 -17.72
CA TRP A 133 8.61 -14.70 -16.55
C TRP A 133 9.31 -13.84 -15.49
N LYS A 134 9.91 -12.70 -15.92
CA LYS A 134 10.61 -11.83 -14.95
C LYS A 134 9.89 -10.48 -14.81
N SER A 135 8.57 -10.51 -15.00
CA SER A 135 7.78 -9.27 -14.89
C SER A 135 7.58 -8.81 -13.47
N THR A 136 7.53 -9.73 -12.50
CA THR A 136 6.90 -9.37 -11.22
C THR A 136 7.78 -9.70 -10.00
N LEU A 137 8.05 -8.68 -9.18
CA LEU A 137 8.74 -8.85 -7.91
C LEU A 137 7.70 -9.22 -6.86
N VAL A 138 8.14 -9.96 -5.84
CA VAL A 138 7.38 -10.07 -4.59
C VAL A 138 8.23 -9.61 -3.44
N GLY A 139 7.68 -8.74 -2.60
CA GLY A 139 8.40 -8.29 -1.38
C GLY A 139 7.43 -8.17 -0.24
N HIS A 140 7.92 -7.62 0.88
CA HIS A 140 7.05 -7.41 2.02
C HIS A 140 7.38 -6.08 2.67
N ASP A 141 6.34 -5.30 2.92
CA ASP A 141 6.48 -3.98 3.55
C ASP A 141 5.69 -3.94 4.85
N THR A 142 6.29 -3.37 5.88
CA THR A 142 5.60 -3.20 7.17
C THR A 142 5.49 -1.70 7.38
N PHE A 143 4.27 -1.22 7.60
CA PHE A 143 3.99 0.18 7.82
C PHE A 143 3.69 0.46 9.27
N THR A 144 4.22 1.58 9.75
CA THR A 144 3.98 2.05 11.11
CA THR A 144 3.99 2.06 11.12
C THR A 144 3.54 3.50 11.03
N LYS A 145 2.93 3.98 12.11
CA LYS A 145 2.45 5.36 12.13
C LYS A 145 3.54 6.36 12.53
N VAL A 146 4.64 5.86 13.06
CA VAL A 146 5.75 6.75 13.39
C VAL A 146 6.97 6.42 12.54
N LYS A 147 7.72 7.45 12.13
CA LYS A 147 8.79 7.28 11.14
C LYS A 147 9.81 6.19 11.46
#